data_7LZD
#
_entry.id   7LZD
#
_cell.length_a   52.231
_cell.length_b   76.381
_cell.length_c   76.434
_cell.angle_alpha   90.000
_cell.angle_beta   90.000
_cell.angle_gamma   90.000
#
_symmetry.space_group_name_H-M   'P 21 21 21'
#
loop_
_entity.id
_entity.type
_entity.pdbx_description
1 polymer 'Histone-lysine N-methyltransferase SETD2'
2 non-polymer 'ZINC ION'
3 non-polymer S-ADENOSYLMETHIONINE
4 non-polymer N-{3-[4-(dimethylamino)piperidin-1-yl]phenyl}-4-fluoro-7-methyl-1H-indole-2-carboxamide
5 non-polymer 1,2-ETHANEDIOL
6 non-polymer 'DIMETHYL SULFOXIDE'
7 water water
#
_entity_poly.entity_id   1
_entity_poly.type   'polypeptide(L)'
_entity_poly.pdbx_seq_one_letter_code
;GETSVPPGSALVGPSCVMDDFRDPQRWKECAKQGKMPCYFDLIEENVYLTERKKNKSHRDIKRMQCECTPLSKDERAQGE
IACGEDCLNRLLMIECSSRCPNGDYCSNRRFQRKQHADVEVILTEKKGWGLRAAKDLPSNTFVLEYCGEVLDHKEFKARV
KEYARNKNIHYYFMALKNDEIIDATQKGNCSRFMNHSCEPNCETQKWTVNGQLRVGFFTTKLVPSGSELTFDYQFQRYGK
EAQKCFCGSANCRGYLGGENRVSIRAAGGKMKKERSRK
;
_entity_poly.pdbx_strand_id   A
#
loop_
_chem_comp.id
_chem_comp.type
_chem_comp.name
_chem_comp.formula
DMS non-polymer 'DIMETHYL SULFOXIDE' 'C2 H6 O S'
EDO non-polymer 1,2-ETHANEDIOL 'C2 H6 O2'
SAM non-polymer S-ADENOSYLMETHIONINE 'C15 H22 N6 O5 S'
YHY non-polymer N-{3-[4-(dimethylamino)piperidin-1-yl]phenyl}-4-fluoro-7-methyl-1H-indole-2-carboxamide 'C23 H27 F N4 O'
ZN non-polymer 'ZINC ION' 'Zn 2'
#
# COMPACT_ATOMS: atom_id res chain seq x y z
N GLY A 13 -20.59 1.80 7.60
CA GLY A 13 -20.85 2.06 9.04
C GLY A 13 -19.70 2.79 9.73
N PRO A 14 -19.07 2.17 10.74
CA PRO A 14 -18.00 2.90 11.44
C PRO A 14 -16.78 3.17 10.53
N SER A 15 -16.20 4.36 10.67
CA SER A 15 -14.96 4.72 10.00
C SER A 15 -13.94 5.12 11.05
N CYS A 16 -12.68 5.18 10.65
CA CYS A 16 -11.64 5.73 11.50
C CYS A 16 -10.52 6.35 10.67
N VAL A 17 -9.75 7.23 11.32
CA VAL A 17 -8.68 7.97 10.64
C VAL A 17 -7.36 7.30 10.95
N MET A 18 -6.34 7.57 10.12
CA MET A 18 -5.08 6.84 10.25
C MET A 18 -4.37 7.03 11.58
N ASP A 19 -4.44 8.23 12.14
CA ASP A 19 -3.89 8.47 13.49
C ASP A 19 -4.53 7.63 14.61
N ASP A 20 -5.75 7.12 14.42
CA ASP A 20 -6.36 6.23 15.44
C ASP A 20 -5.56 4.96 15.68
N PHE A 21 -4.76 4.54 14.69
CA PHE A 21 -3.95 3.33 14.82
C PHE A 21 -2.63 3.54 15.60
N ARG A 22 -2.33 4.78 15.98
CA ARG A 22 -1.09 5.07 16.72
C ARG A 22 -1.24 4.86 18.22
N ASP A 23 -2.47 4.71 18.72
CA ASP A 23 -2.73 4.46 20.15
C ASP A 23 -3.19 3.01 20.37
N PRO A 24 -2.25 2.09 20.71
CA PRO A 24 -2.66 0.68 20.77
C PRO A 24 -3.71 0.36 21.83
N GLN A 25 -3.75 1.12 22.93
CA GLN A 25 -4.73 0.89 24.01
C GLN A 25 -6.13 1.29 23.55
N ARG A 26 -6.26 2.52 23.09
CA ARG A 26 -7.53 3.04 22.57
C ARG A 26 -8.03 2.18 21.39
N TRP A 27 -7.11 1.83 20.50
CA TRP A 27 -7.41 0.94 19.37
C TRP A 27 -8.01 -0.37 19.86
N LYS A 28 -7.31 -1.07 20.74
CA LYS A 28 -7.81 -2.35 21.25
C LYS A 28 -9.21 -2.24 21.88
N GLU A 29 -9.51 -1.09 22.47
CA GLU A 29 -10.84 -0.82 23.02
C GLU A 29 -11.89 -0.59 21.94
N CYS A 30 -11.61 0.32 21.00
CA CYS A 30 -12.51 0.54 19.86
C CYS A 30 -12.79 -0.76 19.10
N ALA A 31 -11.75 -1.62 19.01
CA ALA A 31 -11.85 -2.93 18.38
C ALA A 31 -12.89 -3.81 19.05
N LYS A 32 -12.80 -3.93 20.38
CA LYS A 32 -13.76 -4.73 21.16
C LYS A 32 -15.21 -4.28 20.97
N GLN A 33 -15.44 -3.00 20.68
CA GLN A 33 -16.77 -2.48 20.36
C GLN A 33 -17.04 -2.38 18.85
N GLY A 34 -16.29 -3.11 18.03
CA GLY A 34 -16.49 -3.09 16.58
C GLY A 34 -16.35 -1.75 15.86
N LYS A 35 -15.66 -0.80 16.48
CA LYS A 35 -15.45 0.52 15.88
C LYS A 35 -14.10 0.66 15.16
N MET A 36 -13.16 -0.25 15.43
CA MET A 36 -11.91 -0.36 14.65
C MET A 36 -11.63 -1.81 14.26
N PRO A 37 -10.86 -2.02 13.18
CA PRO A 37 -10.49 -3.38 12.82
C PRO A 37 -9.66 -4.02 13.89
N CYS A 38 -9.52 -5.33 13.82
N CYS A 38 -9.53 -5.34 13.80
CA CYS A 38 -8.74 -6.08 14.78
CA CYS A 38 -8.73 -6.12 14.73
C CYS A 38 -7.31 -5.57 14.82
C CYS A 38 -7.30 -5.58 14.81
N TYR A 39 -6.70 -5.68 16.00
CA TYR A 39 -5.35 -5.18 16.23
C TYR A 39 -4.32 -5.92 15.39
N PHE A 40 -3.32 -5.19 14.87
CA PHE A 40 -2.13 -5.75 14.25
C PHE A 40 -0.93 -4.87 14.66
N ASP A 41 0.29 -5.35 14.45
CA ASP A 41 1.48 -4.56 14.78
C ASP A 41 1.77 -3.55 13.68
N LEU A 42 1.66 -2.25 14.00
CA LEU A 42 1.83 -1.18 13.01
C LEU A 42 3.30 -0.93 12.74
N ILE A 43 3.74 -1.04 11.49
CA ILE A 43 5.15 -0.84 11.16
C ILE A 43 5.33 0.23 10.08
N GLU A 44 6.53 0.81 10.06
CA GLU A 44 6.90 1.94 9.16
C GLU A 44 7.62 1.53 7.88
N GLU A 45 8.14 0.31 7.89
CA GLU A 45 9.06 -0.14 6.88
C GLU A 45 8.95 -1.65 6.88
N ASN A 46 9.22 -2.26 5.74
CA ASN A 46 9.24 -3.72 5.63
C ASN A 46 10.24 -4.34 6.60
N VAL A 47 9.85 -5.47 7.19
CA VAL A 47 10.75 -6.26 8.03
C VAL A 47 11.06 -7.56 7.33
N TYR A 48 12.33 -7.86 7.13
CA TYR A 48 12.73 -9.11 6.47
C TYR A 48 12.86 -10.24 7.48
N LEU A 49 12.08 -11.31 7.28
CA LEU A 49 12.17 -12.51 8.09
C LEU A 49 13.58 -13.09 8.00
N THR A 50 14.01 -13.33 6.77
CA THR A 50 15.37 -13.72 6.45
C THR A 50 16.02 -12.53 5.77
N GLU A 51 17.08 -12.03 6.37
CA GLU A 51 17.83 -10.91 5.80
C GLU A 51 18.53 -11.38 4.51
N ARG A 52 18.76 -10.45 3.59
CA ARG A 52 19.22 -10.76 2.22
C ARG A 52 20.43 -9.87 1.91
N ARG A 63 25.40 7.63 -5.36
CA ARG A 63 25.48 6.65 -6.44
C ARG A 63 24.35 6.80 -7.46
N MET A 64 23.13 6.42 -7.06
CA MET A 64 21.95 6.52 -7.91
C MET A 64 21.42 7.96 -7.87
N GLN A 65 22.26 8.90 -8.32
CA GLN A 65 21.97 10.34 -8.33
C GLN A 65 21.33 10.72 -9.65
N CYS A 66 20.33 11.59 -9.58
CA CYS A 66 19.72 12.11 -10.79
C CYS A 66 20.50 13.33 -11.23
N GLU A 67 20.06 13.92 -12.32
CA GLU A 67 20.74 15.04 -12.96
C GLU A 67 19.80 16.23 -13.07
N CYS A 68 18.85 16.33 -12.12
CA CYS A 68 17.90 17.44 -12.13
C CYS A 68 18.62 18.72 -11.72
N THR A 69 18.24 19.80 -12.39
CA THR A 69 18.83 21.12 -12.15
C THR A 69 18.26 21.68 -10.85
N PRO A 70 19.13 21.95 -9.85
CA PRO A 70 18.63 22.53 -8.61
C PRO A 70 17.75 23.77 -8.85
N LEU A 71 16.50 23.75 -8.37
CA LEU A 71 15.60 24.88 -8.55
C LEU A 71 16.02 26.04 -7.65
N SER A 72 15.78 27.26 -8.12
CA SER A 72 16.05 28.47 -7.34
C SER A 72 14.98 28.66 -6.26
N LYS A 73 15.31 29.48 -5.26
CA LYS A 73 14.35 30.00 -4.27
C LYS A 73 13.07 30.56 -4.94
N ASP A 74 13.28 31.31 -6.03
CA ASP A 74 12.22 31.90 -6.84
C ASP A 74 11.22 30.86 -7.33
N GLU A 75 11.76 29.79 -7.91
CA GLU A 75 10.95 28.77 -8.60
C GLU A 75 10.15 27.90 -7.62
N ARG A 76 10.80 27.51 -6.53
CA ARG A 76 10.12 26.89 -5.36
C ARG A 76 8.84 27.69 -4.96
N ALA A 77 8.98 29.00 -4.84
CA ALA A 77 7.87 29.89 -4.46
C ALA A 77 6.69 29.90 -5.45
N GLN A 78 6.98 29.85 -6.76
CA GLN A 78 5.93 29.83 -7.80
C GLN A 78 5.12 28.53 -7.89
N GLY A 79 5.61 27.44 -7.27
CA GLY A 79 4.97 26.13 -7.37
C GLY A 79 5.64 25.16 -8.35
N GLU A 80 6.91 25.42 -8.69
CA GLU A 80 7.71 24.51 -9.53
C GLU A 80 8.08 23.23 -8.76
N ILE A 81 8.19 22.13 -9.50
CA ILE A 81 8.38 20.81 -8.92
C ILE A 81 9.84 20.42 -9.00
N ALA A 82 10.41 20.05 -7.86
CA ALA A 82 11.78 19.56 -7.82
C ALA A 82 11.74 18.05 -8.00
N CYS A 83 12.52 17.55 -8.97
CA CYS A 83 12.50 16.14 -9.39
C CYS A 83 11.09 15.69 -9.81
N GLY A 84 10.54 16.43 -10.77
CA GLY A 84 9.24 16.14 -11.35
C GLY A 84 9.29 15.09 -12.44
N GLU A 85 8.45 15.24 -13.46
CA GLU A 85 8.20 14.15 -14.42
C GLU A 85 9.39 13.78 -15.31
N ASP A 86 10.38 14.65 -15.40
CA ASP A 86 11.61 14.41 -16.17
C ASP A 86 12.81 13.99 -15.33
N CYS A 87 12.63 13.82 -14.02
CA CYS A 87 13.70 13.31 -13.15
C CYS A 87 14.09 11.88 -13.60
N LEU A 88 15.37 11.62 -13.85
CA LEU A 88 15.77 10.31 -14.37
C LEU A 88 15.58 9.18 -13.36
N ASN A 89 15.65 9.52 -12.07
CA ASN A 89 15.29 8.56 -11.01
C ASN A 89 13.79 8.23 -11.07
N ARG A 90 12.93 9.26 -11.10
CA ARG A 90 11.49 9.05 -11.15
C ARG A 90 11.08 8.24 -12.38
N LEU A 91 11.68 8.57 -13.50
CA LEU A 91 11.38 7.88 -14.76
C LEU A 91 11.69 6.39 -14.72
N LEU A 92 12.59 5.93 -13.82
CA LEU A 92 12.88 4.50 -13.62
C LEU A 92 12.26 3.92 -12.36
N MET A 93 11.33 4.66 -11.76
CA MET A 93 10.67 4.30 -10.48
C MET A 93 11.71 3.99 -9.44
N ILE A 94 12.66 4.92 -9.31
CA ILE A 94 13.67 4.92 -8.30
C ILE A 94 13.46 6.20 -7.50
N GLU A 95 13.45 6.11 -6.18
CA GLU A 95 13.42 7.32 -5.35
C GLU A 95 14.81 7.90 -5.17
N CYS A 96 14.88 9.21 -5.05
CA CYS A 96 16.13 9.85 -4.70
C CYS A 96 16.48 9.63 -3.23
N SER A 97 17.75 9.86 -2.90
CA SER A 97 18.24 9.87 -1.53
C SER A 97 18.37 11.31 -1.01
N SER A 98 18.83 11.42 0.24
CA SER A 98 19.17 12.70 0.88
C SER A 98 20.21 13.49 0.12
N ARG A 99 21.01 12.83 -0.72
CA ARG A 99 22.03 13.48 -1.54
C ARG A 99 21.54 14.01 -2.88
N CYS A 100 20.24 13.97 -3.14
CA CYS A 100 19.66 14.58 -4.33
C CYS A 100 20.13 16.03 -4.51
N PRO A 101 20.38 16.45 -5.76
CA PRO A 101 20.69 17.87 -6.01
C PRO A 101 19.62 18.86 -5.59
N ASN A 102 18.34 18.45 -5.53
CA ASN A 102 17.30 19.30 -4.96
C ASN A 102 17.15 19.22 -3.43
N GLY A 103 17.95 18.37 -2.78
CA GLY A 103 17.95 18.21 -1.34
C GLY A 103 16.59 17.99 -0.73
N ASP A 104 16.25 18.86 0.24
CA ASP A 104 14.99 18.79 1.00
C ASP A 104 13.75 18.91 0.11
N TYR A 105 13.90 19.67 -0.96
CA TYR A 105 12.81 20.01 -1.88
C TYR A 105 12.40 18.89 -2.84
N CYS A 106 13.24 17.88 -2.98
CA CYS A 106 12.94 16.73 -3.83
C CYS A 106 11.55 16.14 -3.58
N SER A 107 10.73 16.09 -4.62
CA SER A 107 9.40 15.54 -4.55
C SER A 107 9.35 14.06 -4.88
N ASN A 108 10.51 13.46 -5.16
CA ASN A 108 10.67 12.05 -5.47
C ASN A 108 11.21 11.17 -4.32
N ARG A 109 10.79 11.48 -3.09
CA ARG A 109 11.08 10.65 -1.92
C ARG A 109 9.79 10.38 -1.14
N ARG A 110 8.70 10.12 -1.88
CA ARG A 110 7.37 9.93 -1.27
C ARG A 110 7.26 8.74 -0.30
N PHE A 111 7.78 7.58 -0.71
CA PHE A 111 7.82 6.41 0.17
C PHE A 111 8.59 6.72 1.48
N GLN A 112 9.78 7.30 1.32
CA GLN A 112 10.68 7.54 2.45
C GLN A 112 10.12 8.57 3.41
N ARG A 113 9.40 9.55 2.88
CA ARG A 113 8.85 10.64 3.67
C ARG A 113 7.39 10.40 4.08
N LYS A 114 6.85 9.22 3.78
CA LYS A 114 5.50 8.85 4.17
C LYS A 114 4.49 9.91 3.70
N GLN A 115 4.59 10.34 2.45
CA GLN A 115 3.69 11.39 1.91
C GLN A 115 2.42 10.77 1.40
N HIS A 116 1.71 10.12 2.32
CA HIS A 116 0.52 9.34 2.02
C HIS A 116 -0.67 10.23 1.74
N ALA A 117 -1.61 9.72 0.95
CA ALA A 117 -2.85 10.42 0.67
C ALA A 117 -3.73 10.40 1.91
N ASP A 118 -4.74 11.29 1.91
CA ASP A 118 -5.69 11.40 3.01
C ASP A 118 -6.76 10.30 2.83
N VAL A 119 -6.64 9.24 3.62
CA VAL A 119 -7.54 8.09 3.55
C VAL A 119 -7.99 7.66 4.93
N GLU A 120 -9.19 7.06 4.95
CA GLU A 120 -9.80 6.55 6.15
C GLU A 120 -10.12 5.08 5.97
N VAL A 121 -10.22 4.40 7.09
CA VAL A 121 -10.52 2.97 7.13
C VAL A 121 -12.00 2.83 7.51
N ILE A 122 -12.75 2.06 6.73
CA ILE A 122 -14.22 1.96 6.85
C ILE A 122 -14.66 0.50 6.83
N LEU A 123 -15.74 0.18 7.54
CA LEU A 123 -16.30 -1.17 7.47
C LEU A 123 -17.18 -1.24 6.25
N THR A 124 -16.96 -2.26 5.40
CA THR A 124 -17.79 -2.53 4.25
C THR A 124 -18.87 -3.57 4.60
N GLU A 125 -19.81 -3.73 3.68
CA GLU A 125 -20.95 -4.64 3.87
C GLU A 125 -20.56 -6.13 3.93
N LYS A 126 -19.68 -6.57 3.01
CA LYS A 126 -19.31 -8.00 2.91
C LYS A 126 -17.81 -8.31 2.74
N LYS A 127 -16.94 -7.30 2.68
CA LYS A 127 -15.51 -7.52 2.38
C LYS A 127 -14.60 -7.32 3.59
N GLY A 128 -15.20 -7.01 4.74
CA GLY A 128 -14.47 -6.61 5.93
C GLY A 128 -14.20 -5.13 5.88
N TRP A 129 -13.09 -4.72 6.45
CA TRP A 129 -12.71 -3.30 6.40
C TRP A 129 -12.13 -2.91 5.04
N GLY A 130 -12.09 -1.60 4.76
CA GLY A 130 -11.69 -1.07 3.45
C GLY A 130 -11.06 0.31 3.59
N LEU A 131 -10.53 0.84 2.50
CA LEU A 131 -10.03 2.21 2.49
C LEU A 131 -10.90 3.10 1.65
N ARG A 132 -11.11 4.33 2.11
CA ARG A 132 -11.79 5.33 1.28
C ARG A 132 -11.06 6.68 1.29
N ALA A 133 -11.15 7.37 0.17
CA ALA A 133 -10.58 8.71 0.03
C ALA A 133 -11.33 9.68 0.96
N ALA A 134 -10.59 10.42 1.78
CA ALA A 134 -11.15 11.47 2.64
C ALA A 134 -11.10 12.86 1.99
N LYS A 135 -10.34 12.99 0.90
CA LYS A 135 -10.31 14.16 0.02
C LYS A 135 -10.52 13.60 -1.37
N ASP A 136 -10.85 14.45 -2.34
CA ASP A 136 -10.61 14.13 -3.75
C ASP A 136 -9.11 13.82 -3.95
N LEU A 137 -8.80 12.73 -4.64
CA LEU A 137 -7.40 12.38 -4.92
C LEU A 137 -7.21 12.44 -6.42
N PRO A 138 -6.31 13.32 -6.89
CA PRO A 138 -6.00 13.33 -8.33
C PRO A 138 -5.51 11.99 -8.84
N SER A 139 -5.52 11.83 -10.15
CA SER A 139 -4.94 10.67 -10.77
C SER A 139 -3.41 10.62 -10.53
N ASN A 140 -2.87 9.41 -10.47
CA ASN A 140 -1.45 9.15 -10.14
C ASN A 140 -0.96 9.80 -8.85
N THR A 141 -1.79 9.71 -7.81
CA THR A 141 -1.44 10.14 -6.48
C THR A 141 -1.02 8.92 -5.65
N PHE A 142 0.15 9.01 -5.02
CA PHE A 142 0.61 8.00 -4.07
C PHE A 142 -0.38 7.89 -2.91
N VAL A 143 -0.84 6.68 -2.62
CA VAL A 143 -1.79 6.47 -1.52
C VAL A 143 -1.02 6.04 -0.27
N LEU A 144 -0.43 4.85 -0.33
CA LEU A 144 0.24 4.26 0.83
C LEU A 144 1.23 3.23 0.35
N GLU A 145 2.26 2.98 1.14
CA GLU A 145 3.15 1.84 0.88
C GLU A 145 2.51 0.59 1.49
N TYR A 146 2.55 -0.52 0.74
CA TYR A 146 2.18 -1.82 1.28
C TYR A 146 3.33 -2.41 2.08
N CYS A 147 3.31 -2.22 3.39
CA CYS A 147 4.35 -2.74 4.27
C CYS A 147 3.96 -4.04 4.93
N GLY A 148 4.98 -4.80 5.33
CA GLY A 148 4.77 -6.07 5.97
C GLY A 148 6.04 -6.82 6.23
N GLU A 149 5.89 -8.09 6.63
CA GLU A 149 7.00 -9.00 6.78
C GLU A 149 7.31 -9.59 5.42
N VAL A 150 8.56 -9.53 5.05
CA VAL A 150 9.00 -10.03 3.76
C VAL A 150 9.46 -11.47 3.91
N LEU A 151 8.82 -12.36 3.15
CA LEU A 151 9.01 -13.79 3.28
C LEU A 151 9.66 -14.33 2.03
N ASP A 152 10.41 -15.44 2.14
CA ASP A 152 10.79 -16.19 0.96
C ASP A 152 9.70 -17.18 0.57
N HIS A 153 9.86 -17.87 -0.55
CA HIS A 153 8.81 -18.76 -1.03
C HIS A 153 8.45 -19.85 0.03
N LYS A 154 9.45 -20.34 0.75
CA LYS A 154 9.23 -21.40 1.76
C LYS A 154 8.42 -20.91 2.95
N GLU A 155 8.81 -19.76 3.47
CA GLU A 155 8.13 -19.10 4.61
C GLU A 155 6.68 -18.77 4.24
N PHE A 156 6.50 -18.26 3.03
CA PHE A 156 5.18 -17.94 2.49
C PHE A 156 4.28 -19.19 2.49
N LYS A 157 4.77 -20.29 1.95
CA LYS A 157 3.96 -21.52 1.84
C LYS A 157 3.61 -22.08 3.23
N ALA A 158 4.58 -22.01 4.14
CA ALA A 158 4.36 -22.35 5.56
C ALA A 158 3.24 -21.51 6.16
N ARG A 159 3.25 -20.22 5.89
CA ARG A 159 2.24 -19.35 6.42
C ARG A 159 0.89 -19.57 5.80
N VAL A 160 0.82 -19.82 4.50
CA VAL A 160 -0.47 -20.16 3.89
C VAL A 160 -1.11 -21.35 4.61
N LYS A 161 -0.33 -22.39 4.83
CA LYS A 161 -0.85 -23.59 5.47
C LYS A 161 -1.29 -23.32 6.93
N GLU A 162 -0.50 -22.54 7.67
CA GLU A 162 -0.84 -22.11 9.03
C GLU A 162 -2.13 -21.29 9.03
N TYR A 163 -2.24 -20.32 8.12
CA TYR A 163 -3.45 -19.50 8.06
C TYR A 163 -4.68 -20.31 7.67
N ALA A 164 -4.53 -21.25 6.75
CA ALA A 164 -5.64 -22.11 6.34
C ALA A 164 -6.11 -23.02 7.50
N ARG A 165 -5.13 -23.54 8.24
CA ARG A 165 -5.37 -24.37 9.42
C ARG A 165 -6.15 -23.58 10.49
N ASN A 166 -5.75 -22.32 10.71
CA ASN A 166 -6.47 -21.41 11.64
C ASN A 166 -7.80 -20.90 11.10
N LYS A 167 -8.15 -21.28 9.87
CA LYS A 167 -9.39 -20.87 9.20
C LYS A 167 -9.54 -19.35 9.07
N ASN A 168 -8.42 -18.68 8.82
CA ASN A 168 -8.45 -17.23 8.62
C ASN A 168 -9.36 -16.93 7.45
N ILE A 169 -10.00 -15.79 7.50
CA ILE A 169 -10.80 -15.34 6.38
C ILE A 169 -9.99 -14.39 5.50
N HIS A 170 -9.43 -13.35 6.07
CA HIS A 170 -8.71 -12.36 5.28
C HIS A 170 -7.26 -12.77 5.07
N TYR A 171 -6.76 -12.60 3.85
CA TYR A 171 -5.37 -12.91 3.52
C TYR A 171 -4.68 -11.61 3.11
N TYR A 172 -3.38 -11.52 3.33
CA TYR A 172 -2.65 -10.24 3.23
C TYR A 172 -1.31 -10.37 2.49
N PHE A 173 -1.20 -11.31 1.56
CA PHE A 173 0.05 -11.49 0.83
C PHE A 173 0.05 -10.64 -0.43
N MET A 174 1.20 -10.04 -0.72
CA MET A 174 1.42 -9.23 -1.91
C MET A 174 2.77 -9.64 -2.48
N ALA A 175 2.81 -9.92 -3.78
CA ALA A 175 4.08 -10.23 -4.48
C ALA A 175 4.95 -9.00 -4.61
N LEU A 176 6.22 -9.11 -4.19
CA LEU A 176 7.18 -8.03 -4.34
C LEU A 176 8.17 -8.32 -5.49
N LYS A 177 8.87 -9.44 -5.39
CA LYS A 177 9.72 -9.93 -6.48
C LYS A 177 9.96 -11.41 -6.28
N ASN A 178 10.74 -12.04 -7.16
N ASN A 178 10.75 -12.05 -7.15
CA ASN A 178 11.04 -13.46 -7.03
CA ASN A 178 11.03 -13.48 -6.99
C ASN A 178 11.64 -13.75 -5.64
C ASN A 178 11.62 -13.72 -5.62
N ASP A 179 11.04 -14.68 -4.91
CA ASP A 179 11.42 -15.02 -3.55
C ASP A 179 11.26 -13.91 -2.52
N GLU A 180 10.38 -12.93 -2.79
CA GLU A 180 9.98 -11.94 -1.80
C GLU A 180 8.45 -11.69 -1.87
N ILE A 181 7.76 -12.17 -0.84
CA ILE A 181 6.31 -11.96 -0.70
C ILE A 181 6.13 -11.19 0.59
N ILE A 182 5.42 -10.08 0.51
CA ILE A 182 5.08 -9.28 1.68
C ILE A 182 3.84 -9.87 2.32
N ASP A 183 3.91 -10.08 3.62
CA ASP A 183 2.78 -10.60 4.40
C ASP A 183 2.46 -9.54 5.46
N ALA A 184 1.28 -8.92 5.33
CA ALA A 184 0.81 -7.90 6.26
C ALA A 184 -0.23 -8.45 7.25
N THR A 185 -0.24 -9.76 7.44
CA THR A 185 -1.22 -10.39 8.32
C THR A 185 -1.02 -9.97 9.79
N GLN A 186 0.21 -10.07 10.26
CA GLN A 186 0.57 -9.74 11.65
C GLN A 186 1.13 -8.32 11.78
N LYS A 187 1.93 -7.91 10.79
CA LYS A 187 2.62 -6.63 10.82
C LYS A 187 2.40 -5.94 9.50
N GLY A 188 2.04 -4.68 9.57
CA GLY A 188 1.81 -3.88 8.38
C GLY A 188 1.42 -2.45 8.70
N ASN A 189 0.69 -1.82 7.79
CA ASN A 189 0.15 -0.50 8.02
C ASN A 189 -1.25 -0.45 7.40
N CYS A 190 -1.86 0.73 7.33
CA CYS A 190 -3.25 0.83 6.85
C CYS A 190 -3.47 0.42 5.37
N SER A 191 -2.39 0.26 4.61
CA SER A 191 -2.48 -0.30 3.24
C SER A 191 -3.08 -1.68 3.18
N ARG A 192 -2.90 -2.45 4.25
CA ARG A 192 -3.48 -3.78 4.36
C ARG A 192 -5.00 -3.79 4.27
N PHE A 193 -5.65 -2.64 4.40
CA PHE A 193 -7.11 -2.56 4.25
C PHE A 193 -7.65 -2.34 2.87
N MET A 194 -6.78 -2.10 1.87
CA MET A 194 -7.27 -1.89 0.53
C MET A 194 -7.80 -3.20 -0.06
N ASN A 195 -9.04 -3.14 -0.56
CA ASN A 195 -9.71 -4.28 -1.14
C ASN A 195 -9.48 -4.38 -2.65
N HIS A 196 -9.66 -5.58 -3.16
CA HIS A 196 -9.59 -5.83 -4.56
C HIS A 196 -10.87 -5.35 -5.27
N SER A 197 -10.71 -4.85 -6.49
CA SER A 197 -11.81 -4.69 -7.42
C SER A 197 -11.39 -5.11 -8.82
N CYS A 198 -12.32 -5.79 -9.50
CA CYS A 198 -12.14 -6.11 -10.90
C CYS A 198 -12.20 -4.85 -11.80
N GLU A 199 -12.77 -3.75 -11.29
CA GLU A 199 -12.78 -2.46 -12.00
C GLU A 199 -12.22 -1.38 -11.07
N PRO A 200 -10.90 -1.38 -10.88
CA PRO A 200 -10.30 -0.61 -9.79
C PRO A 200 -10.08 0.85 -10.11
N ASN A 201 -9.78 1.64 -9.07
CA ASN A 201 -9.34 3.05 -9.21
C ASN A 201 -7.90 3.28 -8.73
N CYS A 202 -7.19 2.22 -8.34
CA CYS A 202 -5.76 2.30 -7.98
C CYS A 202 -4.98 1.13 -8.62
N GLU A 203 -3.66 1.24 -8.56
CA GLU A 203 -2.76 0.18 -8.99
C GLU A 203 -1.57 0.05 -8.03
N THR A 204 -0.86 -1.07 -8.08
CA THR A 204 0.43 -1.16 -7.45
C THR A 204 1.52 -0.58 -8.36
N GLN A 205 2.54 0.03 -7.76
CA GLN A 205 3.80 0.34 -8.44
C GLN A 205 4.96 -0.07 -7.55
N LYS A 206 5.96 -0.71 -8.15
CA LYS A 206 7.15 -1.14 -7.44
C LYS A 206 8.23 -0.10 -7.61
N TRP A 207 8.72 0.43 -6.48
CA TRP A 207 9.73 1.47 -6.49
C TRP A 207 11.02 1.04 -5.79
N THR A 208 12.14 1.46 -6.37
CA THR A 208 13.44 1.20 -5.80
C THR A 208 13.78 2.31 -4.80
N VAL A 209 13.97 1.92 -3.54
CA VAL A 209 14.26 2.86 -2.46
C VAL A 209 15.50 2.32 -1.73
N ASN A 210 16.60 3.06 -1.79
CA ASN A 210 17.90 2.59 -1.26
C ASN A 210 18.31 1.24 -1.80
N GLY A 211 18.20 1.06 -3.11
CA GLY A 211 18.58 -0.20 -3.71
C GLY A 211 17.72 -1.39 -3.36
N GLN A 212 16.55 -1.16 -2.75
CA GLN A 212 15.65 -2.22 -2.34
C GLN A 212 14.24 -1.93 -2.88
N LEU A 213 13.54 -2.94 -3.36
CA LEU A 213 12.21 -2.74 -3.95
C LEU A 213 11.12 -2.66 -2.86
N ARG A 214 10.21 -1.71 -3.03
CA ARG A 214 9.00 -1.61 -2.21
C ARG A 214 7.82 -1.53 -3.15
N VAL A 215 6.63 -1.72 -2.60
CA VAL A 215 5.43 -1.63 -3.40
C VAL A 215 4.46 -0.68 -2.74
N GLY A 216 3.84 0.15 -3.56
CA GLY A 216 2.88 1.11 -3.10
C GLY A 216 1.65 1.13 -3.98
N PHE A 217 0.58 1.67 -3.43
CA PHE A 217 -0.66 1.89 -4.16
C PHE A 217 -0.68 3.34 -4.66
N PHE A 218 -1.10 3.50 -5.93
CA PHE A 218 -1.27 4.78 -6.59
C PHE A 218 -2.62 4.83 -7.29
N THR A 219 -3.32 5.95 -7.20
CA THR A 219 -4.58 6.12 -7.94
C THR A 219 -4.30 6.10 -9.44
N THR A 220 -5.23 5.55 -10.23
CA THR A 220 -5.14 5.53 -11.70
C THR A 220 -6.16 6.47 -12.36
N LYS A 221 -6.95 7.17 -11.56
CA LYS A 221 -7.89 8.16 -12.06
C LYS A 221 -8.19 9.08 -10.91
N LEU A 222 -9.04 10.08 -11.16
CA LEU A 222 -9.47 10.98 -10.11
C LEU A 222 -10.43 10.21 -9.22
N VAL A 223 -10.16 10.19 -7.92
CA VAL A 223 -11.01 9.47 -6.96
C VAL A 223 -11.77 10.46 -6.11
N PRO A 224 -13.10 10.54 -6.28
CA PRO A 224 -13.89 11.47 -5.46
C PRO A 224 -13.83 11.17 -3.97
N SER A 225 -13.89 12.22 -3.16
CA SER A 225 -14.00 12.10 -1.71
C SER A 225 -15.14 11.15 -1.34
N GLY A 226 -14.87 10.23 -0.42
CA GLY A 226 -15.86 9.23 0.02
C GLY A 226 -15.85 7.91 -0.72
N SER A 227 -15.23 7.85 -1.91
CA SER A 227 -15.12 6.62 -2.70
C SER A 227 -14.14 5.60 -2.08
N GLU A 228 -14.52 4.32 -2.11
CA GLU A 228 -13.62 3.26 -1.68
C GLU A 228 -12.45 3.17 -2.67
N LEU A 229 -11.26 2.99 -2.12
CA LEU A 229 -10.06 2.82 -2.94
C LEU A 229 -9.86 1.34 -3.15
N THR A 230 -9.66 0.96 -4.41
CA THR A 230 -9.52 -0.45 -4.79
C THR A 230 -8.43 -0.65 -5.85
N PHE A 231 -7.87 -1.86 -5.92
CA PHE A 231 -6.88 -2.18 -6.96
C PHE A 231 -7.16 -3.59 -7.49
N ASP A 232 -6.59 -3.94 -8.64
CA ASP A 232 -6.74 -5.26 -9.22
C ASP A 232 -5.63 -6.18 -8.66
N TYR A 233 -5.96 -6.93 -7.63
CA TYR A 233 -5.03 -7.87 -6.99
C TYR A 233 -4.65 -9.04 -7.90
N GLN A 234 -3.35 -9.19 -8.14
CA GLN A 234 -2.81 -10.25 -8.99
C GLN A 234 -1.82 -11.08 -8.19
N PHE A 235 -2.02 -12.38 -8.18
CA PHE A 235 -1.19 -13.28 -7.38
C PHE A 235 -1.46 -14.69 -7.88
N GLN A 236 -0.40 -15.49 -7.96
CA GLN A 236 -0.51 -16.91 -8.31
C GLN A 236 -1.58 -17.60 -7.47
N ARG A 237 -2.33 -18.51 -8.08
CA ARG A 237 -3.36 -19.25 -7.37
C ARG A 237 -2.75 -20.33 -6.47
N TYR A 238 -3.21 -20.42 -5.23
CA TYR A 238 -2.71 -21.43 -4.29
C TYR A 238 -3.88 -22.06 -3.60
N GLY A 239 -3.74 -23.34 -3.28
CA GLY A 239 -4.79 -24.04 -2.56
C GLY A 239 -6.09 -24.27 -3.33
N LYS A 240 -7.15 -24.47 -2.57
CA LYS A 240 -8.50 -24.74 -3.05
C LYS A 240 -9.43 -23.77 -2.35
N GLU A 241 -10.66 -23.68 -2.85
CA GLU A 241 -11.67 -22.76 -2.34
C GLU A 241 -11.15 -21.32 -2.34
N ALA A 242 -10.93 -20.81 -3.55
CA ALA A 242 -10.62 -19.41 -3.77
C ALA A 242 -11.76 -18.54 -3.23
N GLN A 243 -11.42 -17.37 -2.70
CA GLN A 243 -12.39 -16.46 -2.13
C GLN A 243 -13.22 -15.81 -3.23
N LYS A 244 -14.51 -15.65 -2.97
CA LYS A 244 -15.39 -14.99 -3.91
C LYS A 244 -15.18 -13.49 -3.89
N CYS A 245 -15.34 -12.88 -5.05
CA CYS A 245 -15.25 -11.44 -5.20
C CYS A 245 -16.61 -10.76 -5.11
N PHE A 246 -16.72 -9.78 -4.22
CA PHE A 246 -17.93 -8.97 -4.10
C PHE A 246 -17.67 -7.52 -4.55
N CYS A 247 -16.86 -7.33 -5.59
CA CYS A 247 -16.52 -5.96 -5.99
C CYS A 247 -17.71 -5.22 -6.60
N GLY A 248 -18.61 -5.96 -7.24
CA GLY A 248 -19.82 -5.38 -7.82
C GLY A 248 -19.69 -4.85 -9.23
N SER A 249 -18.58 -5.14 -9.92
CA SER A 249 -18.39 -4.65 -11.29
C SER A 249 -19.16 -5.53 -12.24
N ALA A 250 -19.52 -4.93 -13.38
CA ALA A 250 -20.20 -5.65 -14.44
C ALA A 250 -19.29 -6.71 -15.05
N ASN A 251 -17.98 -6.49 -14.97
CA ASN A 251 -17.00 -7.44 -15.50
C ASN A 251 -16.26 -8.27 -14.44
N CYS A 252 -16.90 -8.49 -13.28
CA CYS A 252 -16.29 -9.22 -12.15
C CYS A 252 -15.89 -10.64 -12.54
N ARG A 253 -14.65 -11.00 -12.19
CA ARG A 253 -14.13 -12.34 -12.46
C ARG A 253 -14.67 -13.36 -11.50
N GLY A 254 -15.26 -12.91 -10.40
CA GLY A 254 -15.96 -13.81 -9.50
C GLY A 254 -15.12 -14.32 -8.35
N TYR A 255 -13.79 -14.24 -8.47
CA TYR A 255 -12.87 -14.76 -7.44
C TYR A 255 -11.66 -13.85 -7.27
N LEU A 256 -11.02 -13.96 -6.13
CA LEU A 256 -9.86 -13.13 -5.82
C LEU A 256 -8.59 -13.86 -6.15
N GLY A 257 -7.64 -13.15 -6.76
CA GLY A 257 -6.34 -13.70 -7.05
C GLY A 257 -6.31 -14.29 -8.43
N GLY A 258 -5.35 -15.16 -8.69
CA GLY A 258 -5.05 -15.57 -10.06
C GLY A 258 -4.20 -14.51 -10.77
N GLU A 259 -3.55 -14.95 -11.86
CA GLU A 259 -2.65 -14.10 -12.68
C GLU A 259 -3.26 -13.99 -14.09
ZN ZN B . 15.73 14.38 -10.01
ZN ZN C . 15.38 14.11 -6.26
ZN ZN D . -14.88 -8.67 -8.80
N SAM E . -10.95 -6.34 3.91
CA SAM E . -9.74 -6.71 4.64
C SAM E . -9.88 -6.60 6.15
O SAM E . -11.01 -6.52 6.67
OXT SAM E . -8.85 -6.64 6.86
CB SAM E . -8.60 -5.86 4.08
CG SAM E . -8.00 -6.41 2.76
SD SAM E . -7.06 -7.81 2.88
CE SAM E . -5.55 -7.45 2.25
C5' SAM E . -7.72 -8.92 1.77
C4' SAM E . -9.00 -9.64 2.23
O4' SAM E . -10.15 -8.77 2.18
C3' SAM E . -9.34 -10.83 1.33
O3' SAM E . -8.64 -11.99 1.77
C2' SAM E . -10.86 -10.90 1.46
O2' SAM E . -11.21 -11.63 2.63
C1' SAM E . -11.26 -9.43 1.58
N9 SAM E . -11.52 -8.82 0.24
C8 SAM E . -10.78 -7.91 -0.44
N7 SAM E . -11.33 -7.58 -1.62
C5 SAM E . -12.46 -8.30 -1.71
C6 SAM E . -13.53 -8.44 -2.69
N6 SAM E . -13.45 -7.71 -3.82
N1 SAM E . -14.53 -9.31 -2.46
C2 SAM E . -14.58 -10.02 -1.31
N3 SAM E . -13.65 -9.92 -0.33
C4 SAM E . -12.59 -9.10 -0.49
C1 YHY F . -8.77 -22.83 1.87
N2 YHY F . -9.11 -21.51 1.26
C3 YHY F . -10.35 -20.96 1.90
C4 YHY F . -7.96 -20.54 1.24
C5 YHY F . -8.43 -19.14 0.80
C6 YHY F . -7.26 -18.17 0.59
C8 YHY F . -5.69 -20.05 0.25
N7 YHY F . -6.07 -18.69 -0.13
C9 YHY F . -6.90 -20.98 0.22
C10 YHY F . -5.02 -17.72 -0.31
C11 YHY F . -5.34 -16.35 -0.50
C12 YHY F . -4.36 -15.39 -0.71
C13 YHY F . -3.03 -15.77 -0.72
C14 YHY F . -2.70 -17.09 -0.51
C15 YHY F . -3.66 -18.06 -0.31
N16 YHY F . -4.80 -14.08 -0.94
C17 YHY F . -4.14 -12.98 -0.53
O18 YHY F . -3.07 -13.03 0.09
C19 YHY F . -4.71 -11.67 -0.81
C20 YHY F . -5.96 -11.34 -1.24
C21 YHY F . -6.00 -9.93 -1.36
C22 YHY F . -4.73 -9.44 -0.98
C23 YHY F . -4.45 -8.08 -0.98
C24 YHY F . -3.06 -7.63 -0.56
C25 YHY F . -5.41 -7.20 -1.37
C26 YHY F . -6.69 -7.68 -1.76
C27 YHY F . -6.99 -9.02 -1.76
F28 YHY F . -8.22 -9.48 -2.14
N29 YHY F . -3.97 -10.52 -0.64
C1 EDO G . -4.00 -17.28 -3.89
O1 EDO G . -4.95 -18.24 -4.35
C2 EDO G . -4.31 -15.85 -4.35
O2 EDO G . -4.23 -15.74 -5.78
C1 EDO H . 3.18 -14.77 -6.31
O1 EDO H . 2.34 -14.56 -7.45
C2 EDO H . 4.28 -15.76 -6.62
O2 EDO H . 3.95 -17.09 -6.18
C1 EDO I . 3.61 5.17 3.31
O1 EDO I . 2.89 4.10 3.95
C2 EDO I . 2.77 6.40 3.36
O2 EDO I . 2.47 6.71 4.73
C1 EDO J . 7.18 -18.19 9.82
O1 EDO J . 5.80 -18.23 10.16
C2 EDO J . 7.32 -18.45 8.33
O2 EDO J . 8.35 -19.40 8.04
C1 EDO K . -4.90 -24.65 1.58
O1 EDO K . -4.30 -23.37 1.46
C2 EDO K . -5.94 -24.85 0.51
O2 EDO K . -7.09 -25.58 0.96
C1 EDO L . 17.42 -7.08 4.33
O1 EDO L . 16.51 -6.00 4.47
C2 EDO L . 17.60 -7.51 2.87
O2 EDO L . 16.99 -6.65 1.91
C1 EDO M . -3.81 -14.66 12.86
O1 EDO M . -4.91 -14.01 12.19
C2 EDO M . -3.06 -15.61 11.91
O2 EDO M . -3.60 -16.94 11.95
C1 EDO N . -13.71 1.12 -7.66
O1 EDO N . -13.38 1.36 -6.29
C2 EDO N . -13.15 2.19 -8.59
O2 EDO N . -13.55 2.03 -9.95
C1 EDO O . 1.72 13.28 -8.09
O1 EDO O . 1.33 13.52 -6.74
C2 EDO O . 0.56 13.69 -8.98
O2 EDO O . 0.97 13.63 -10.35
S DMS P . 9.04 17.32 -0.41
O DMS P . 9.36 18.66 -0.95
C1 DMS P . 8.48 17.51 1.21
C2 DMS P . 7.72 16.73 -1.32
#